data_6XYC
#
_entry.id   6XYC
#
_cell.length_a   107.560
_cell.length_b   107.560
_cell.length_c   44.378
_cell.angle_alpha   90.000
_cell.angle_beta   90.000
_cell.angle_gamma   90.000
#
_symmetry.space_group_name_H-M   'P 43 21 2'
#
loop_
_entity.id
_entity.type
_entity.pdbx_description
1 polymer 'Acetyl xylan esterase'
2 non-polymer '4-(2-AMINOETHYL)BENZENESULFONYL FLUORIDE'
3 water water
#
_entity_poly.entity_id   1
_entity_poly.type   'polypeptide(L)'
_entity_poly.pdbx_seq_one_letter_code
;KGPAEDTYSTSWTNVNYASDSLESHNLDIYLPKEQKTAYKAIIIIYGSAWFANNAKAMASASIGAPLLKAGFAVISINHR
SSMEAIWPAQIQDVKAAIRYVRSNAAKYNIDPSFIGITGFSSGGHLSAFAGVTNGVKTLTSGDLTVDIEGSLGNYLSTGS
HVDAVVDWFGPVDMAHMSNCVAPNDASTPEAVLIGKKDPREEPDWVKLISPINFVDKDDPDILIIHGDADNVVPHCQSVN
LKNVYDNAGAKATFISVPGGGHGPGCFDTQYFKDMTDFFTEQSTKLEHHHHHH
;
_entity_poly.pdbx_strand_id   A
#
loop_
_chem_comp.id
_chem_comp.type
_chem_comp.name
_chem_comp.formula
AES non-polymer '4-(2-AMINOETHYL)BENZENESULFONYL FLUORIDE' 'C8 H10 F N O2 S'
#
# COMPACT_ATOMS: atom_id res chain seq x y z
N LYS A 1 -9.75 -1.86 -19.40
CA LYS A 1 -8.88 -1.03 -18.57
C LYS A 1 -9.65 -0.51 -17.36
N GLY A 2 -9.18 -0.89 -16.17
CA GLY A 2 -9.81 -0.46 -14.93
C GLY A 2 -10.88 -1.42 -14.47
N PRO A 3 -11.72 -0.99 -13.53
CA PRO A 3 -12.81 -1.84 -13.07
C PRO A 3 -13.96 -1.86 -14.07
N ALA A 4 -14.76 -2.92 -13.98
CA ALA A 4 -15.89 -3.08 -14.89
C ALA A 4 -16.80 -1.85 -14.83
N GLU A 5 -17.28 -1.43 -16.00
CA GLU A 5 -18.03 -0.18 -16.10
C GLU A 5 -19.23 -0.16 -15.17
N ASP A 6 -19.87 -1.30 -14.95
CA ASP A 6 -21.10 -1.35 -14.15
C ASP A 6 -20.81 -1.41 -12.65
N THR A 7 -19.55 -1.31 -12.23
CA THR A 7 -19.25 -1.30 -10.80
C THR A 7 -19.26 0.09 -10.19
N TYR A 8 -19.24 1.14 -11.01
CA TYR A 8 -19.13 2.50 -10.51
C TYR A 8 -20.12 3.42 -11.20
N SER A 9 -20.55 4.45 -10.45
CA SER A 9 -21.43 5.48 -10.97
C SER A 9 -20.68 6.71 -11.47
N THR A 10 -19.46 6.91 -11.00
CA THR A 10 -18.69 8.11 -11.27
C THR A 10 -17.21 7.72 -11.31
N SER A 11 -16.49 8.29 -12.26
CA SER A 11 -15.06 8.05 -12.35
C SER A 11 -14.37 9.36 -12.72
N TRP A 12 -13.24 9.61 -12.07
CA TRP A 12 -12.27 10.59 -12.50
C TRP A 12 -10.98 9.83 -12.75
N THR A 13 -10.45 9.88 -13.97
CA THR A 13 -9.19 9.20 -14.26
C THR A 13 -8.09 10.20 -14.56
N ASN A 14 -6.87 9.82 -14.18
CA ASN A 14 -5.67 10.64 -14.44
C ASN A 14 -5.79 12.02 -13.80
N VAL A 15 -6.10 12.02 -12.52
CA VAL A 15 -6.08 13.21 -11.69
C VAL A 15 -4.70 13.28 -11.04
N ASN A 16 -3.98 14.38 -11.28
CA ASN A 16 -2.67 14.54 -10.69
C ASN A 16 -2.82 14.96 -9.23
N TYR A 17 -2.12 14.28 -8.34
CA TYR A 17 -2.23 14.55 -6.91
C TYR A 17 -1.03 15.33 -6.35
N ALA A 18 -0.02 15.59 -7.18
CA ALA A 18 1.18 16.29 -6.72
C ALA A 18 1.32 17.68 -7.33
N SER A 19 0.27 18.19 -7.97
CA SER A 19 0.32 19.51 -8.59
C SER A 19 1.51 19.62 -9.55
N ASP A 20 1.80 18.53 -10.25
CA ASP A 20 2.84 18.56 -11.28
C ASP A 20 2.31 17.94 -12.57
N SER A 21 3.22 17.63 -13.50
CA SER A 21 2.84 17.10 -14.80
CA SER A 21 2.84 17.10 -14.80
C SER A 21 3.32 15.66 -15.01
N LEU A 22 3.59 14.94 -13.93
CA LEU A 22 4.10 13.58 -14.03
C LEU A 22 2.97 12.57 -13.93
N GLU A 23 2.94 11.63 -14.88
CA GLU A 23 1.96 10.55 -14.83
C GLU A 23 2.17 9.67 -13.61
N SER A 24 3.41 9.57 -13.14
CA SER A 24 3.71 8.84 -11.91
C SER A 24 3.00 9.42 -10.70
N HIS A 25 2.44 10.62 -10.81
CA HIS A 25 1.71 11.26 -9.72
C HIS A 25 0.24 11.44 -10.07
N ASN A 26 -0.31 10.53 -10.87
CA ASN A 26 -1.73 10.52 -11.19
C ASN A 26 -2.45 9.44 -10.38
N LEU A 27 -3.75 9.63 -10.22
CA LEU A 27 -4.59 8.62 -9.61
C LEU A 27 -5.93 8.59 -10.31
N ASP A 28 -6.67 7.50 -10.09
CA ASP A 28 -8.04 7.34 -10.59
C ASP A 28 -8.98 7.21 -9.40
N ILE A 29 -10.16 7.82 -9.51
CA ILE A 29 -11.15 7.77 -8.43
C ILE A 29 -12.45 7.20 -8.99
N TYR A 30 -13.00 6.20 -8.30
CA TYR A 30 -14.26 5.58 -8.68
C TYR A 30 -15.22 5.59 -7.49
N LEU A 31 -16.49 5.97 -7.72
CA LEU A 31 -17.51 5.91 -6.70
C LEU A 31 -18.49 4.77 -6.99
N PRO A 32 -19.02 4.09 -5.96
CA PRO A 32 -19.82 2.89 -6.22
C PRO A 32 -21.07 3.18 -7.05
N LYS A 33 -21.51 2.15 -7.77
CA LYS A 33 -22.76 2.25 -8.53
C LYS A 33 -23.92 2.63 -7.61
N GLU A 34 -24.09 1.88 -6.53
CA GLU A 34 -25.05 2.21 -5.48
C GLU A 34 -24.80 3.63 -4.99
N GLN A 35 -25.60 4.58 -5.46
CA GLN A 35 -25.35 5.99 -5.16
C GLN A 35 -25.71 6.30 -3.72
N LYS A 36 -24.91 7.18 -3.11
CA LYS A 36 -25.13 7.63 -1.74
C LYS A 36 -24.57 9.03 -1.61
N THR A 37 -24.84 9.66 -0.46
CA THR A 37 -24.43 11.05 -0.26
C THR A 37 -22.91 11.18 -0.30
N ALA A 38 -22.22 10.37 0.50
CA ALA A 38 -20.76 10.36 0.51
C ALA A 38 -20.29 8.92 0.64
N TYR A 39 -19.01 8.69 0.40
CA TYR A 39 -18.44 7.35 0.42
C TYR A 39 -17.14 7.32 1.19
N LYS A 40 -17.03 6.39 2.14
CA LYS A 40 -15.73 6.07 2.73
C LYS A 40 -14.80 5.56 1.64
N ALA A 41 -13.50 5.78 1.84
CA ALA A 41 -12.54 5.64 0.76
C ALA A 41 -11.49 4.57 1.05
N ILE A 42 -11.08 3.88 -0.02
CA ILE A 42 -9.98 2.91 0.03
C ILE A 42 -8.98 3.29 -1.06
N ILE A 43 -7.72 3.52 -0.67
CA ILE A 43 -6.64 3.73 -1.61
C ILE A 43 -6.01 2.39 -1.95
N ILE A 44 -5.83 2.12 -3.24
CA ILE A 44 -5.26 0.84 -3.66
C ILE A 44 -4.01 1.10 -4.48
N ILE A 45 -3.05 0.16 -4.37
CA ILE A 45 -1.73 0.34 -4.96
C ILE A 45 -1.30 -0.96 -5.63
N TYR A 46 -0.94 -0.88 -6.90
CA TYR A 46 -0.51 -2.06 -7.65
C TYR A 46 0.81 -2.60 -7.11
N GLY A 47 1.08 -3.85 -7.44
CA GLY A 47 2.38 -4.46 -7.24
C GLY A 47 3.17 -4.48 -8.52
N SER A 48 4.49 -4.31 -8.39
CA SER A 48 5.35 -4.20 -9.56
C SER A 48 6.84 -4.30 -9.20
N ALA A 49 7.14 -4.87 -8.03
CA ALA A 49 8.52 -4.86 -7.51
C ALA A 49 9.07 -3.43 -7.50
N TRP A 50 8.18 -2.46 -7.30
CA TRP A 50 8.48 -1.02 -7.26
C TRP A 50 8.89 -0.44 -8.62
N PHE A 51 8.81 -1.23 -9.70
CA PHE A 51 9.35 -0.79 -10.98
C PHE A 51 8.36 0.03 -11.78
N ALA A 52 7.06 -0.15 -11.59
CA ALA A 52 6.06 0.47 -12.47
C ALA A 52 5.63 1.83 -11.92
N ASN A 53 5.42 2.77 -12.82
CA ASN A 53 4.93 4.11 -12.46
C ASN A 53 3.61 4.45 -13.12
N ASN A 54 2.92 3.46 -13.72
CA ASN A 54 1.75 3.77 -14.55
C ASN A 54 0.68 2.70 -14.50
N ALA A 55 0.67 1.84 -13.47
CA ALA A 55 -0.13 0.63 -13.49
C ALA A 55 -1.39 0.73 -12.64
N LYS A 56 -1.84 1.95 -12.34
CA LYS A 56 -3.00 2.09 -11.46
C LYS A 56 -4.23 1.39 -12.01
N ALA A 57 -4.37 1.30 -13.33
CA ALA A 57 -5.52 0.61 -13.91
C ALA A 57 -5.47 -0.88 -13.63
N MET A 58 -4.27 -1.46 -13.52
CA MET A 58 -4.16 -2.87 -13.21
C MET A 58 -4.68 -3.17 -11.81
N ALA A 59 -4.34 -2.31 -10.84
CA ALA A 59 -4.84 -2.50 -9.47
C ALA A 59 -6.36 -2.41 -9.45
N SER A 60 -6.93 -1.41 -10.13
CA SER A 60 -8.38 -1.24 -10.15
C SER A 60 -9.06 -2.47 -10.75
N ALA A 61 -8.52 -2.98 -11.86
CA ALA A 61 -9.09 -4.18 -12.46
C ALA A 61 -8.94 -5.38 -11.55
N SER A 62 -7.89 -5.42 -10.73
CA SER A 62 -7.60 -6.59 -9.92
C SER A 62 -8.48 -6.66 -8.68
N ILE A 63 -8.62 -5.55 -7.95
CA ILE A 63 -9.32 -5.58 -6.68
C ILE A 63 -10.29 -4.42 -6.49
N GLY A 64 -10.56 -3.68 -7.57
CA GLY A 64 -11.42 -2.51 -7.44
C GLY A 64 -12.88 -2.87 -7.30
N ALA A 65 -13.34 -3.83 -8.10
CA ALA A 65 -14.77 -4.16 -8.12
C ALA A 65 -15.29 -4.59 -6.75
N PRO A 66 -14.67 -5.55 -6.05
CA PRO A 66 -15.22 -5.93 -4.74
C PRO A 66 -15.35 -4.75 -3.78
N LEU A 67 -14.35 -3.86 -3.77
CA LEU A 67 -14.42 -2.69 -2.90
C LEU A 67 -15.60 -1.78 -3.27
N LEU A 68 -15.82 -1.56 -4.56
CA LEU A 68 -16.94 -0.74 -4.97
C LEU A 68 -18.27 -1.38 -4.60
N LYS A 69 -18.40 -2.69 -4.83
CA LYS A 69 -19.63 -3.39 -4.47
C LYS A 69 -19.89 -3.36 -2.97
N ALA A 70 -18.82 -3.28 -2.16
CA ALA A 70 -18.95 -3.15 -0.72
C ALA A 70 -19.34 -1.74 -0.28
N GLY A 71 -19.35 -0.78 -1.20
CA GLY A 71 -19.78 0.57 -0.90
C GLY A 71 -18.68 1.57 -0.65
N PHE A 72 -17.44 1.26 -1.02
CA PHE A 72 -16.32 2.18 -0.82
C PHE A 72 -15.98 2.89 -2.12
N ALA A 73 -15.62 4.16 -2.00
CA ALA A 73 -14.90 4.84 -3.08
C ALA A 73 -13.51 4.22 -3.20
N VAL A 74 -13.05 4.07 -4.43
CA VAL A 74 -11.75 3.45 -4.71
C VAL A 74 -10.86 4.47 -5.39
N ILE A 75 -9.66 4.65 -4.85
CA ILE A 75 -8.67 5.55 -5.41
C ILE A 75 -7.41 4.73 -5.70
N SER A 76 -7.12 4.52 -6.98
CA SER A 76 -5.95 3.77 -7.41
C SER A 76 -4.86 4.74 -7.84
N ILE A 77 -3.69 4.62 -7.23
CA ILE A 77 -2.64 5.62 -7.38
C ILE A 77 -1.45 5.05 -8.12
N ASN A 78 -0.78 5.92 -8.88
CA ASN A 78 0.56 5.65 -9.37
C ASN A 78 1.59 6.13 -8.33
N HIS A 79 2.79 5.54 -8.40
CA HIS A 79 3.94 6.05 -7.68
C HIS A 79 5.13 5.99 -8.64
N ARG A 80 6.19 6.72 -8.29
CA ARG A 80 7.35 6.77 -9.18
C ARG A 80 8.09 5.43 -9.18
N SER A 81 8.71 5.12 -10.31
CA SER A 81 9.49 3.90 -10.44
C SER A 81 10.77 3.99 -9.64
N SER A 82 11.16 2.85 -9.04
CA SER A 82 12.46 2.79 -8.38
C SER A 82 13.59 3.14 -9.33
N MET A 83 13.38 2.98 -10.64
CA MET A 83 14.42 3.29 -11.61
C MET A 83 14.52 4.77 -11.92
N GLU A 84 13.53 5.58 -11.53
CA GLU A 84 13.59 7.03 -11.73
C GLU A 84 13.81 7.81 -10.44
N ALA A 85 13.53 7.22 -9.29
CA ALA A 85 13.72 7.88 -8.01
C ALA A 85 13.88 6.81 -6.95
N ILE A 86 14.90 6.94 -6.10
CA ILE A 86 15.14 5.89 -5.11
C ILE A 86 14.35 6.21 -3.85
N TRP A 87 14.25 5.24 -2.96
CA TRP A 87 13.61 5.43 -1.66
C TRP A 87 14.14 6.70 -1.00
N PRO A 88 13.27 7.50 -0.36
CA PRO A 88 11.85 7.26 -0.06
C PRO A 88 10.83 7.88 -1.02
N ALA A 89 11.20 8.07 -2.28
CA ALA A 89 10.27 8.67 -3.24
C ALA A 89 8.92 7.97 -3.20
N GLN A 90 8.92 6.64 -3.15
CA GLN A 90 7.69 5.88 -3.32
C GLN A 90 6.72 6.10 -2.16
N ILE A 91 7.21 6.14 -0.92
CA ILE A 91 6.30 6.39 0.19
C ILE A 91 5.90 7.86 0.25
N GLN A 92 6.79 8.78 -0.15
CA GLN A 92 6.41 10.18 -0.26
C GLN A 92 5.29 10.36 -1.27
N ASP A 93 5.33 9.59 -2.37
CA ASP A 93 4.26 9.63 -3.35
C ASP A 93 2.94 9.19 -2.72
N VAL A 94 2.96 8.05 -2.02
CA VAL A 94 1.76 7.55 -1.37
C VAL A 94 1.22 8.59 -0.39
N LYS A 95 2.10 9.17 0.43
CA LYS A 95 1.65 10.16 1.41
C LYS A 95 1.00 11.35 0.73
N ALA A 96 1.57 11.80 -0.40
CA ALA A 96 1.00 12.92 -1.13
C ALA A 96 -0.38 12.56 -1.68
N ALA A 97 -0.53 11.34 -2.17
CA ALA A 97 -1.83 10.91 -2.66
C ALA A 97 -2.86 10.91 -1.54
N ILE A 98 -2.48 10.42 -0.36
CA ILE A 98 -3.39 10.40 0.79
C ILE A 98 -3.81 11.82 1.14
N ARG A 99 -2.85 12.75 1.21
CA ARG A 99 -3.17 14.14 1.54
C ARG A 99 -4.11 14.74 0.50
N TYR A 100 -3.90 14.41 -0.78
CA TYR A 100 -4.76 14.93 -1.83
C TYR A 100 -6.20 14.45 -1.66
N VAL A 101 -6.36 13.16 -1.36
CA VAL A 101 -7.71 12.58 -1.23
C VAL A 101 -8.40 13.16 0.00
N ARG A 102 -7.70 13.19 1.14
CA ARG A 102 -8.31 13.72 2.36
C ARG A 102 -8.70 15.18 2.18
N SER A 103 -7.79 15.98 1.62
CA SER A 103 -8.07 17.41 1.47
C SER A 103 -9.23 17.65 0.50
N ASN A 104 -9.29 16.88 -0.58
CA ASN A 104 -10.27 17.10 -1.65
C ASN A 104 -11.48 16.18 -1.54
N ALA A 105 -11.68 15.54 -0.39
CA ALA A 105 -12.72 14.53 -0.26
C ALA A 105 -14.09 15.07 -0.69
N ALA A 106 -14.45 16.26 -0.20
CA ALA A 106 -15.77 16.80 -0.50
C ALA A 106 -16.00 16.91 -2.01
N LYS A 107 -15.00 17.39 -2.74
CA LYS A 107 -15.14 17.55 -4.19
C LYS A 107 -15.48 16.24 -4.87
N TYR A 108 -15.06 15.12 -4.30
CA TYR A 108 -15.27 13.80 -4.92
C TYR A 108 -16.35 13.00 -4.21
N ASN A 109 -17.13 13.63 -3.34
CA ASN A 109 -18.18 12.96 -2.58
C ASN A 109 -17.60 11.86 -1.68
N ILE A 110 -16.40 12.09 -1.17
CA ILE A 110 -15.72 11.12 -0.32
C ILE A 110 -15.89 11.55 1.14
N ASP A 111 -16.20 10.58 2.00
CA ASP A 111 -16.29 10.77 3.45
C ASP A 111 -14.91 10.55 4.04
N PRO A 112 -14.18 11.62 4.39
CA PRO A 112 -12.81 11.45 4.88
C PRO A 112 -12.68 10.92 6.30
N SER A 113 -13.77 10.51 6.94
CA SER A 113 -13.68 9.92 8.27
C SER A 113 -13.10 8.52 8.25
N PHE A 114 -13.03 7.88 7.09
CA PHE A 114 -12.35 6.61 6.94
C PHE A 114 -11.63 6.56 5.61
N ILE A 115 -10.31 6.41 5.66
CA ILE A 115 -9.49 6.18 4.47
C ILE A 115 -8.64 4.96 4.76
N GLY A 116 -9.03 3.82 4.20
CA GLY A 116 -8.20 2.63 4.26
C GLY A 116 -7.23 2.58 3.10
N ILE A 117 -6.30 1.64 3.18
CA ILE A 117 -5.27 1.50 2.15
C ILE A 117 -4.94 0.02 1.99
N THR A 118 -4.72 -0.39 0.73
CA THR A 118 -4.42 -1.78 0.42
C THR A 118 -3.61 -1.83 -0.86
N GLY A 119 -2.83 -2.89 -1.01
CA GLY A 119 -2.02 -3.09 -2.20
C GLY A 119 -1.51 -4.51 -2.20
N PHE A 120 -1.02 -4.95 -3.36
CA PHE A 120 -0.45 -6.29 -3.46
C PHE A 120 1.04 -6.24 -3.82
N SER A 121 1.82 -7.18 -3.27
CA SER A 121 3.27 -7.20 -3.36
C SER A 121 3.78 -5.81 -3.00
N SER A 122 4.53 -5.16 -3.90
CA SER A 122 5.17 -3.91 -3.53
C SER A 122 4.13 -2.88 -3.14
N GLY A 123 2.91 -2.99 -3.64
CA GLY A 123 1.83 -2.12 -3.18
C GLY A 123 1.36 -2.46 -1.78
N GLY A 124 1.44 -3.74 -1.41
CA GLY A 124 1.20 -4.11 -0.02
C GLY A 124 2.29 -3.62 0.90
N HIS A 125 3.53 -3.60 0.41
CA HIS A 125 4.65 -3.01 1.16
C HIS A 125 4.39 -1.53 1.43
N LEU A 126 3.99 -0.79 0.41
CA LEU A 126 3.74 0.64 0.58
C LEU A 126 2.54 0.87 1.49
N SER A 127 1.50 0.05 1.37
CA SER A 127 0.34 0.17 2.24
C SER A 127 0.73 -0.07 3.69
N ALA A 128 1.47 -1.15 3.94
CA ALA A 128 1.94 -1.42 5.31
C ALA A 128 2.85 -0.31 5.79
N PHE A 129 3.68 0.26 4.90
CA PHE A 129 4.58 1.31 5.35
C PHE A 129 3.81 2.57 5.74
N ALA A 130 2.75 2.91 5.01
CA ALA A 130 1.89 4.01 5.44
C ALA A 130 1.26 3.72 6.80
N GLY A 131 0.84 2.48 7.01
CA GLY A 131 0.16 2.08 8.23
C GLY A 131 1.05 2.01 9.45
N VAL A 132 2.37 2.01 9.28
CA VAL A 132 3.29 2.06 10.41
C VAL A 132 3.93 3.43 10.56
N THR A 133 3.54 4.42 9.75
CA THR A 133 4.13 5.75 9.85
C THR A 133 3.06 6.84 9.92
N ASN A 134 1.87 6.52 10.40
CA ASN A 134 0.90 7.56 10.74
C ASN A 134 1.55 8.58 11.68
N GLY A 135 1.59 9.84 11.26
CA GLY A 135 2.13 10.89 12.10
C GLY A 135 3.64 10.94 12.17
N VAL A 136 4.34 10.19 11.31
CA VAL A 136 5.79 10.09 11.34
C VAL A 136 6.35 10.88 10.16
N LYS A 137 7.25 11.82 10.45
CA LYS A 137 7.86 12.65 9.40
C LYS A 137 9.12 12.01 8.84
N THR A 138 9.99 11.52 9.69
CA THR A 138 11.26 10.96 9.26
C THR A 138 11.56 9.69 10.06
N LEU A 139 12.43 8.86 9.49
CA LEU A 139 12.94 7.68 10.16
C LEU A 139 14.45 7.66 10.00
N THR A 140 15.14 7.18 11.04
CA THR A 140 16.60 7.17 11.05
C THR A 140 17.10 5.80 11.46
N SER A 141 18.14 5.33 10.76
CA SER A 141 18.88 4.14 11.15
C SER A 141 20.36 4.45 10.98
N GLY A 142 21.11 4.36 12.07
CA GLY A 142 22.52 4.75 12.03
C GLY A 142 22.63 6.21 11.63
N ASP A 143 23.47 6.47 10.63
CA ASP A 143 23.67 7.84 10.13
C ASP A 143 22.68 8.20 9.02
N LEU A 144 21.83 7.27 8.61
CA LEU A 144 20.93 7.46 7.48
C LEU A 144 19.57 7.91 7.97
N THR A 145 19.06 9.00 7.41
CA THR A 145 17.73 9.50 7.72
C THR A 145 16.96 9.69 6.42
N VAL A 146 15.75 9.12 6.37
CA VAL A 146 14.88 9.25 5.20
C VAL A 146 13.64 10.03 5.59
N ASP A 147 13.20 10.91 4.68
CA ASP A 147 12.01 11.73 4.86
C ASP A 147 10.81 10.95 4.35
N ILE A 148 9.96 10.48 5.26
CA ILE A 148 8.83 9.64 4.90
C ILE A 148 7.66 10.49 4.44
N GLU A 149 7.28 11.50 5.24
CA GLU A 149 6.14 12.34 4.89
C GLU A 149 6.37 13.07 3.58
N GLY A 150 7.56 13.65 3.40
CA GLY A 150 7.86 14.38 2.19
C GLY A 150 7.16 15.72 2.12
N SER A 151 7.43 16.43 1.02
CA SER A 151 6.91 17.77 0.80
C SER A 151 6.25 17.90 -0.57
N LEU A 152 5.78 16.81 -1.15
CA LEU A 152 5.24 16.84 -2.50
C LEU A 152 3.85 17.44 -2.52
N GLY A 153 3.60 18.28 -3.52
CA GLY A 153 2.26 18.77 -3.76
C GLY A 153 1.90 19.96 -2.89
N ASN A 154 0.61 20.29 -2.95
CA ASN A 154 0.09 21.53 -2.37
C ASN A 154 -0.91 21.31 -1.25
N TYR A 155 -0.81 20.18 -0.55
CA TYR A 155 -1.73 19.87 0.54
C TYR A 155 -0.97 19.42 1.78
N LEU A 156 0.20 20.04 2.00
CA LEU A 156 1.08 19.59 3.06
C LEU A 156 0.45 19.76 4.44
N SER A 157 -0.47 20.70 4.60
CA SER A 157 -1.12 20.91 5.88
C SER A 157 -2.12 19.82 6.21
N THR A 158 -2.50 19.00 5.24
CA THR A 158 -3.47 17.94 5.46
C THR A 158 -2.79 16.70 6.03
N GLY A 159 -3.49 15.99 6.91
CA GLY A 159 -2.95 14.77 7.46
C GLY A 159 -2.86 13.67 6.43
N SER A 160 -1.86 12.80 6.63
CA SER A 160 -1.58 11.71 5.69
C SER A 160 -1.82 10.34 6.30
N HIS A 161 -2.55 10.27 7.41
CA HIS A 161 -2.75 9.01 8.13
C HIS A 161 -3.78 8.14 7.42
N VAL A 162 -3.63 6.82 7.61
CA VAL A 162 -4.57 5.84 7.12
C VAL A 162 -5.21 5.15 8.32
N ASP A 163 -6.44 4.66 8.12
CA ASP A 163 -7.23 4.14 9.23
C ASP A 163 -7.21 2.61 9.33
N ALA A 164 -6.83 1.92 8.27
CA ALA A 164 -6.79 0.46 8.25
C ALA A 164 -5.98 0.03 7.02
N VAL A 165 -5.39 -1.15 7.11
CA VAL A 165 -4.48 -1.63 6.07
C VAL A 165 -4.86 -3.06 5.71
N VAL A 166 -4.87 -3.37 4.42
CA VAL A 166 -4.91 -4.75 3.95
C VAL A 166 -3.67 -4.99 3.09
N ASP A 167 -2.84 -5.93 3.52
CA ASP A 167 -1.54 -6.21 2.91
C ASP A 167 -1.63 -7.54 2.18
N TRP A 168 -1.66 -7.49 0.85
CA TRP A 168 -1.67 -8.69 0.02
C TRP A 168 -0.22 -9.07 -0.30
N PHE A 169 0.27 -10.13 0.32
CA PHE A 169 1.60 -10.73 0.07
C PHE A 169 2.68 -9.68 -0.24
N GLY A 170 2.85 -8.71 0.67
CA GLY A 170 3.84 -7.68 0.50
C GLY A 170 5.20 -8.06 1.07
N PRO A 171 6.28 -7.67 0.39
CA PRO A 171 7.62 -7.80 0.93
C PRO A 171 7.86 -6.72 1.99
N VAL A 172 7.99 -7.13 3.24
CA VAL A 172 7.97 -6.16 4.33
C VAL A 172 9.16 -6.30 5.26
N ASP A 173 10.00 -7.31 5.03
CA ASP A 173 11.09 -7.68 5.93
C ASP A 173 12.29 -8.05 5.05
N MET A 174 12.91 -7.04 4.45
CA MET A 174 13.94 -7.29 3.45
C MET A 174 15.24 -7.80 4.07
N ALA A 175 15.40 -7.73 5.39
CA ALA A 175 16.52 -8.39 6.04
C ALA A 175 16.43 -9.90 5.91
N HIS A 176 15.25 -10.43 5.62
CA HIS A 176 15.01 -11.87 5.61
C HIS A 176 14.28 -12.31 4.37
N MET A 177 14.72 -11.81 3.21
N MET A 177 14.70 -11.80 3.20
CA MET A 177 14.09 -12.13 1.93
CA MET A 177 14.05 -12.17 1.95
C MET A 177 14.70 -13.35 1.27
C MET A 177 14.70 -13.37 1.28
N SER A 178 16.02 -13.45 1.29
CA SER A 178 16.73 -14.54 0.61
C SER A 178 16.70 -15.78 1.51
N ASN A 179 16.12 -16.87 1.01
CA ASN A 179 15.90 -18.09 1.78
C ASN A 179 15.19 -17.79 3.10
N CYS A 180 14.47 -16.67 3.14
CA CYS A 180 13.76 -16.21 4.32
C CYS A 180 14.69 -15.90 5.49
N VAL A 181 15.99 -15.74 5.24
CA VAL A 181 16.88 -15.56 6.38
C VAL A 181 17.98 -14.52 6.20
N ALA A 182 18.06 -13.88 5.04
CA ALA A 182 19.15 -12.95 4.80
C ALA A 182 18.71 -11.95 3.75
N PRO A 183 19.44 -10.83 3.61
CA PRO A 183 19.12 -9.87 2.54
C PRO A 183 19.54 -10.41 1.18
N ASN A 184 18.85 -9.91 0.14
CA ASN A 184 19.16 -10.26 -1.23
C ASN A 184 20.41 -9.51 -1.70
N ASP A 185 20.89 -9.88 -2.89
CA ASP A 185 22.09 -9.26 -3.44
C ASP A 185 21.71 -8.06 -4.30
N ALA A 186 22.70 -7.45 -4.97
CA ALA A 186 22.48 -6.21 -5.68
C ALA A 186 21.68 -6.38 -6.96
N SER A 187 21.33 -7.60 -7.32
CA SER A 187 20.61 -7.90 -8.54
C SER A 187 19.11 -7.71 -8.42
N THR A 188 18.59 -7.48 -7.23
CA THR A 188 17.19 -7.67 -6.94
C THR A 188 16.43 -6.35 -6.91
N PRO A 189 15.09 -6.42 -6.89
CA PRO A 189 14.31 -5.17 -6.91
C PRO A 189 14.55 -4.25 -5.72
N GLU A 190 14.73 -4.80 -4.51
CA GLU A 190 14.99 -3.94 -3.37
C GLU A 190 16.34 -3.25 -3.49
N ALA A 191 17.31 -3.88 -4.16
CA ALA A 191 18.59 -3.23 -4.42
C ALA A 191 18.39 -1.98 -5.26
N VAL A 192 17.55 -2.08 -6.30
CA VAL A 192 17.25 -0.91 -7.13
C VAL A 192 16.57 0.17 -6.30
N LEU A 193 15.66 -0.24 -5.41
CA LEU A 193 14.93 0.71 -4.59
C LEU A 193 15.87 1.55 -3.74
N ILE A 194 16.97 0.99 -3.29
CA ILE A 194 17.89 1.69 -2.39
C ILE A 194 19.08 2.27 -3.15
N GLY A 195 18.98 2.43 -4.46
CA GLY A 195 20.04 3.02 -5.24
C GLY A 195 21.02 2.05 -5.85
N LYS A 196 20.59 0.82 -6.14
CA LYS A 196 21.45 -0.24 -6.69
C LYS A 196 22.68 -0.48 -5.79
N LYS A 197 22.45 -0.49 -4.48
CA LYS A 197 23.41 -0.99 -3.50
C LYS A 197 23.10 -2.44 -3.17
N ASP A 198 24.09 -3.15 -2.63
CA ASP A 198 23.91 -4.53 -2.19
C ASP A 198 23.20 -4.54 -0.85
N PRO A 199 21.94 -4.99 -0.77
CA PRO A 199 21.26 -5.02 0.53
C PRO A 199 22.06 -5.72 1.61
N ARG A 200 22.89 -6.71 1.24
CA ARG A 200 23.70 -7.42 2.23
C ARG A 200 24.75 -6.53 2.85
N GLU A 201 25.05 -5.38 2.24
CA GLU A 201 26.04 -4.45 2.78
C GLU A 201 25.41 -3.19 3.35
N GLU A 202 24.08 -3.11 3.40
CA GLU A 202 23.38 -1.86 3.71
C GLU A 202 22.30 -2.10 4.76
N PRO A 203 22.70 -2.43 5.99
CA PRO A 203 21.69 -2.69 7.03
C PRO A 203 20.81 -1.50 7.34
N ASP A 204 21.32 -0.27 7.19
CA ASP A 204 20.51 0.90 7.47
C ASP A 204 19.45 1.10 6.39
N TRP A 205 19.82 0.96 5.11
CA TRP A 205 18.84 1.04 4.04
C TRP A 205 17.80 -0.06 4.18
N VAL A 206 18.25 -1.29 4.44
CA VAL A 206 17.31 -2.41 4.54
C VAL A 206 16.32 -2.17 5.67
N LYS A 207 16.79 -1.62 6.79
CA LYS A 207 15.88 -1.34 7.90
C LYS A 207 14.84 -0.30 7.50
N LEU A 208 15.26 0.73 6.76
CA LEU A 208 14.39 1.86 6.46
C LEU A 208 13.45 1.61 5.30
N ILE A 209 13.62 0.52 4.55
CA ILE A 209 12.61 0.13 3.56
C ILE A 209 11.71 -0.99 4.07
N SER A 210 11.91 -1.44 5.30
CA SER A 210 11.18 -2.60 5.82
C SER A 210 10.22 -2.16 6.91
N PRO A 211 8.92 -2.04 6.62
CA PRO A 211 7.98 -1.51 7.62
C PRO A 211 7.83 -2.39 8.85
N ILE A 212 8.25 -3.66 8.78
CA ILE A 212 8.19 -4.54 9.94
C ILE A 212 8.94 -3.94 11.11
N ASN A 213 9.90 -3.07 10.84
CA ASN A 213 10.74 -2.53 11.90
C ASN A 213 10.07 -1.45 12.74
N PHE A 214 8.93 -0.92 12.31
CA PHE A 214 8.35 0.27 12.92
C PHE A 214 6.94 0.05 13.46
N VAL A 215 6.54 -1.21 13.61
CA VAL A 215 5.22 -1.54 14.14
C VAL A 215 5.13 -1.11 15.60
N ASP A 216 4.03 -0.46 15.95
CA ASP A 216 3.80 0.03 17.31
C ASP A 216 2.39 -0.32 17.72
N LYS A 217 2.18 -0.45 19.04
CA LYS A 217 0.86 -0.80 19.56
C LYS A 217 -0.24 0.09 19.02
N ASP A 218 0.09 1.34 18.67
CA ASP A 218 -0.91 2.32 18.27
C ASP A 218 -1.19 2.32 16.77
N ASP A 219 -0.61 1.40 16.02
CA ASP A 219 -0.84 1.38 14.58
C ASP A 219 -2.29 1.00 14.26
N PRO A 220 -2.82 1.45 13.13
CA PRO A 220 -4.13 0.97 12.70
C PRO A 220 -4.11 -0.54 12.50
N ASP A 221 -5.29 -1.16 12.62
CA ASP A 221 -5.41 -2.59 12.42
C ASP A 221 -4.97 -2.98 11.01
N ILE A 222 -4.43 -4.18 10.87
CA ILE A 222 -3.98 -4.67 9.57
C ILE A 222 -4.56 -6.06 9.31
N LEU A 223 -4.93 -6.30 8.06
CA LEU A 223 -5.24 -7.64 7.56
C LEU A 223 -4.15 -8.04 6.58
N ILE A 224 -3.55 -9.20 6.80
CA ILE A 224 -2.47 -9.71 5.98
C ILE A 224 -2.94 -10.98 5.29
N ILE A 225 -2.76 -11.05 3.98
CA ILE A 225 -3.19 -12.19 3.17
C ILE A 225 -2.00 -12.64 2.33
N HIS A 226 -1.67 -13.93 2.42
CA HIS A 226 -0.48 -14.44 1.72
C HIS A 226 -0.68 -15.91 1.37
N GLY A 227 -0.38 -16.25 0.12
CA GLY A 227 -0.49 -17.63 -0.32
C GLY A 227 0.71 -18.44 0.16
N ASP A 228 0.42 -19.64 0.66
CA ASP A 228 1.50 -20.48 1.17
C ASP A 228 2.30 -21.17 0.06
N ALA A 229 1.99 -20.88 -1.20
CA ALA A 229 2.81 -21.31 -2.33
C ALA A 229 3.29 -20.12 -3.15
N ASP A 230 3.40 -18.95 -2.54
CA ASP A 230 3.89 -17.77 -3.25
C ASP A 230 5.37 -17.96 -3.60
N ASN A 231 5.66 -18.01 -4.89
CA ASN A 231 7.00 -18.25 -5.39
C ASN A 231 7.74 -16.96 -5.74
N VAL A 232 7.21 -15.80 -5.32
CA VAL A 232 7.79 -14.52 -5.68
C VAL A 232 8.18 -13.76 -4.42
N VAL A 233 7.21 -13.55 -3.53
CA VAL A 233 7.47 -13.03 -2.19
C VAL A 233 7.13 -14.14 -1.20
N PRO A 234 8.08 -14.62 -0.41
CA PRO A 234 7.80 -15.81 0.42
C PRO A 234 6.81 -15.53 1.55
N HIS A 235 5.98 -16.53 1.79
CA HIS A 235 5.02 -16.57 2.90
C HIS A 235 5.64 -16.14 4.23
N CYS A 236 6.91 -16.47 4.44
CA CYS A 236 7.55 -16.13 5.71
C CYS A 236 7.47 -14.64 6.00
N GLN A 237 7.42 -13.81 4.96
CA GLN A 237 7.34 -12.36 5.16
C GLN A 237 6.10 -11.97 5.95
N SER A 238 4.94 -12.55 5.61
CA SER A 238 3.71 -12.23 6.32
C SER A 238 3.63 -12.93 7.68
N VAL A 239 4.17 -14.15 7.79
CA VAL A 239 4.30 -14.78 9.11
C VAL A 239 5.06 -13.85 10.04
N ASN A 240 6.18 -13.32 9.55
CA ASN A 240 7.02 -12.45 10.37
C ASN A 240 6.28 -11.17 10.74
N LEU A 241 5.55 -10.58 9.78
CA LEU A 241 4.82 -9.35 10.09
C LEU A 241 3.76 -9.59 11.17
N LYS A 242 3.02 -10.69 11.06
CA LYS A 242 2.02 -11.02 12.07
C LYS A 242 2.67 -11.20 13.44
N ASN A 243 3.81 -11.89 13.49
CA ASN A 243 4.50 -12.08 14.77
C ASN A 243 4.89 -10.75 15.38
N VAL A 244 5.34 -9.80 14.56
CA VAL A 244 5.75 -8.49 15.07
C VAL A 244 4.53 -7.71 15.58
N TYR A 245 3.42 -7.75 14.84
CA TYR A 245 2.21 -7.09 15.35
C TYR A 245 1.77 -7.72 16.66
N ASP A 246 1.75 -9.05 16.73
CA ASP A 246 1.40 -9.74 17.96
C ASP A 246 2.27 -9.30 19.13
N ASN A 247 3.59 -9.28 18.91
CA ASN A 247 4.51 -8.99 20.01
C ASN A 247 4.54 -7.51 20.35
N ALA A 248 4.12 -6.63 19.44
CA ALA A 248 4.09 -5.20 19.72
C ALA A 248 2.79 -4.77 20.40
N GLY A 249 1.86 -5.69 20.61
CA GLY A 249 0.57 -5.33 21.15
C GLY A 249 -0.39 -4.72 20.16
N ALA A 250 -0.06 -4.73 18.87
CA ALA A 250 -0.94 -4.20 17.84
C ALA A 250 -1.86 -5.32 17.35
N LYS A 251 -2.79 -4.97 16.46
CA LYS A 251 -3.82 -5.90 16.01
C LYS A 251 -3.60 -6.25 14.55
N ALA A 252 -3.32 -7.52 14.29
CA ALA A 252 -3.14 -8.05 12.95
C ALA A 252 -3.94 -9.33 12.80
N THR A 253 -4.59 -9.48 11.64
CA THR A 253 -5.24 -10.71 11.23
C THR A 253 -4.48 -11.26 10.05
N PHE A 254 -4.06 -12.52 10.13
CA PHE A 254 -3.24 -13.14 9.09
C PHE A 254 -4.03 -14.30 8.48
N ILE A 255 -4.29 -14.20 7.18
CA ILE A 255 -5.00 -15.24 6.44
C ILE A 255 -4.02 -15.86 5.45
N SER A 256 -3.72 -17.14 5.64
CA SER A 256 -2.86 -17.89 4.75
C SER A 256 -3.73 -18.61 3.73
N VAL A 257 -3.40 -18.47 2.45
CA VAL A 257 -4.19 -19.03 1.36
C VAL A 257 -3.55 -20.36 0.96
N PRO A 258 -4.21 -21.50 1.19
CA PRO A 258 -3.58 -22.78 0.86
C PRO A 258 -3.47 -22.97 -0.64
N GLY A 259 -2.26 -23.32 -1.08
CA GLY A 259 -1.98 -23.44 -2.51
C GLY A 259 -1.93 -22.13 -3.24
N GLY A 260 -2.10 -21.00 -2.55
CA GLY A 260 -2.14 -19.72 -3.21
C GLY A 260 -0.77 -19.28 -3.71
N GLY A 261 -0.76 -18.73 -4.91
CA GLY A 261 0.42 -18.15 -5.50
C GLY A 261 0.52 -16.67 -5.21
N HIS A 262 1.27 -15.98 -6.06
CA HIS A 262 1.48 -14.54 -6.00
C HIS A 262 0.31 -13.82 -6.69
N GLY A 263 -0.89 -14.07 -6.17
CA GLY A 263 -2.11 -13.59 -6.79
C GLY A 263 -3.07 -14.73 -7.07
N PRO A 264 -2.63 -15.69 -7.88
CA PRO A 264 -3.47 -16.85 -8.17
C PRO A 264 -3.92 -17.56 -6.90
N GLY A 265 -5.22 -17.85 -6.83
CA GLY A 265 -5.84 -18.42 -5.65
C GLY A 265 -6.21 -17.41 -4.59
N CYS A 266 -5.52 -16.27 -4.55
CA CYS A 266 -5.76 -15.24 -3.55
C CYS A 266 -6.83 -14.25 -3.99
N PHE A 267 -6.86 -13.89 -5.27
CA PHE A 267 -7.82 -12.93 -5.80
C PHE A 267 -9.10 -13.66 -6.22
N ASP A 268 -9.87 -14.07 -5.21
CA ASP A 268 -11.13 -14.77 -5.44
C ASP A 268 -12.15 -14.28 -4.44
N THR A 269 -13.39 -14.74 -4.61
CA THR A 269 -14.51 -14.22 -3.83
C THR A 269 -14.24 -14.31 -2.34
N GLN A 270 -13.70 -15.45 -1.89
CA GLN A 270 -13.53 -15.68 -0.45
C GLN A 270 -12.63 -14.62 0.18
N TYR A 271 -11.45 -14.39 -0.41
CA TYR A 271 -10.50 -13.48 0.20
C TYR A 271 -10.80 -12.02 -0.12
N PHE A 272 -11.46 -11.75 -1.25
CA PHE A 272 -12.05 -10.44 -1.44
C PHE A 272 -13.05 -10.14 -0.32
N LYS A 273 -13.88 -11.13 0.05
CA LYS A 273 -14.82 -10.95 1.14
C LYS A 273 -14.10 -10.69 2.45
N ASP A 274 -12.99 -11.40 2.70
CA ASP A 274 -12.18 -11.10 3.88
C ASP A 274 -11.76 -9.65 3.90
N MET A 275 -11.32 -9.12 2.74
CA MET A 275 -10.86 -7.74 2.69
C MET A 275 -12.01 -6.76 2.90
N THR A 276 -13.14 -6.98 2.21
CA THR A 276 -14.24 -6.04 2.30
C THR A 276 -14.94 -6.13 3.66
N ASP A 277 -15.01 -7.33 4.23
CA ASP A 277 -15.52 -7.44 5.60
C ASP A 277 -14.64 -6.69 6.57
N PHE A 278 -13.31 -6.84 6.44
CA PHE A 278 -12.37 -6.16 7.31
C PHE A 278 -12.55 -4.64 7.23
N PHE A 279 -12.50 -4.10 6.01
CA PHE A 279 -12.66 -2.66 5.84
C PHE A 279 -14.02 -2.20 6.36
N THR A 280 -15.06 -3.00 6.12
CA THR A 280 -16.39 -2.62 6.60
C THR A 280 -16.43 -2.58 8.12
N GLU A 281 -15.88 -3.62 8.76
CA GLU A 281 -15.80 -3.64 10.22
C GLU A 281 -14.99 -2.47 10.74
N GLN A 282 -13.85 -2.17 10.09
CA GLN A 282 -13.02 -1.05 10.52
C GLN A 282 -13.73 0.28 10.29
N SER A 283 -14.52 0.38 9.22
CA SER A 283 -15.19 1.64 8.89
C SER A 283 -16.14 2.07 9.99
N THR A 284 -16.58 1.15 10.83
CA THR A 284 -17.57 1.43 11.88
C THR A 284 -16.94 1.60 13.25
N LYS A 285 -15.94 0.79 13.58
CA LYS A 285 -15.28 0.85 14.88
C LYS A 285 -14.94 2.29 15.26
C3 AES B . 9.46 -9.24 -6.21
C2 AES B . 8.12 -9.01 -6.34
C1 AES B . 7.53 -8.03 -5.59
S AES B . 5.84 -7.76 -5.85
O1S AES B . 5.62 -6.37 -6.30
O2S AES B . 5.41 -8.49 -7.04
C6 AES B . 8.25 -7.28 -4.71
C5 AES B . 9.60 -7.52 -4.58
C4 AES B . 10.20 -8.49 -5.33
C7 AES B . 11.73 -8.79 -5.18
C8 AES B . 12.07 -9.11 -3.70
N8 AES B . 13.37 -9.70 -3.69
H3 AES B . 9.86 -9.91 -6.71
H2 AES B . 7.61 -9.51 -6.94
H6 AES B . 7.83 -6.62 -4.21
H5 AES B . 10.11 -7.02 -3.98
H71 AES B . 12.24 -8.01 -5.47
H72 AES B . 11.96 -9.55 -5.73
H81 AES B . 12.08 -8.29 -3.18
H82 AES B . 11.43 -9.72 -3.34
HN81 AES B . 13.98 -9.06 -3.65
HN82 AES B . 13.45 -10.26 -3.00
#